data_3MSW
#
_entry.id   3MSW
#
_cell.length_a   45.570
_cell.length_b   57.550
_cell.length_c   65.030
_cell.angle_alpha   90.000
_cell.angle_beta   90.000
_cell.angle_gamma   90.000
#
_symmetry.space_group_name_H-M   'P 21 21 21'
#
loop_
_entity.id
_entity.type
_entity.pdbx_description
1 polymer 'uncharacterized protein'
2 non-polymer 'CHLORIDE ION'
3 non-polymer R-1,2-PROPANEDIOL
4 water water
#
_entity_poly.entity_id   1
_entity_poly.type   'polypeptide(L)'
_entity_poly.pdbx_seq_one_letter_code
;GTNNGKQFIHNDT(MSE)EGGKLVCREIYA(MSE)NDAASGILNPVK(MSE)YKYSYDTDQQKTVKSTYAWNIFKNTWET
ESRTVISRYETETSVEYSVWNKEKGSFDLSKKYIYITDNNNQLIAQYAYK(MSE)NSRTNQWILEKDALTPIYENIYATT
R
;
_entity_poly.pdbx_strand_id   A
#
loop_
_chem_comp.id
_chem_comp.type
_chem_comp.name
_chem_comp.formula
CL non-polymer 'CHLORIDE ION' 'Cl -1'
PGR non-polymer R-1,2-PROPANEDIOL 'C3 H8 O2'
#
# COMPACT_ATOMS: atom_id res chain seq x y z
N GLY A 1 -2.35 -5.56 -16.63
CA GLY A 1 -3.25 -4.54 -17.16
C GLY A 1 -3.45 -4.66 -18.66
N THR A 2 -4.23 -3.72 -19.22
CA THR A 2 -4.54 -3.69 -20.66
C THR A 2 -3.29 -3.50 -21.53
N ASN A 3 -2.39 -2.57 -21.12
CA ASN A 3 -1.16 -2.25 -21.85
C ASN A 3 -0.13 -3.37 -21.89
N ASN A 4 0.01 -4.11 -20.78
CA ASN A 4 0.93 -5.25 -20.74
C ASN A 4 0.26 -6.60 -21.08
N GLY A 5 -1.08 -6.60 -21.21
CA GLY A 5 -1.83 -7.79 -21.58
C GLY A 5 -1.92 -8.84 -20.48
N LYS A 6 -1.70 -8.43 -19.20
CA LYS A 6 -1.75 -9.36 -18.06
C LYS A 6 -3.03 -9.16 -17.27
N GLN A 7 -3.83 -10.22 -17.16
CA GLN A 7 -5.09 -10.18 -16.41
C GLN A 7 -4.90 -10.82 -15.03
N PHE A 8 -5.49 -10.17 -14.02
CA PHE A 8 -5.50 -10.62 -12.63
C PHE A 8 -6.94 -10.56 -12.12
N ILE A 9 -7.25 -11.40 -11.15
CA ILE A 9 -8.56 -11.42 -10.46
C ILE A 9 -8.24 -11.49 -8.97
N HIS A 10 -9.12 -10.94 -8.12
CA HIS A 10 -8.90 -11.03 -6.69
C HIS A 10 -10.00 -11.73 -5.91
N ASN A 11 -9.68 -12.09 -4.69
CA ASN A 11 -10.62 -12.70 -3.76
C ASN A 11 -10.45 -12.05 -2.40
N ASP A 12 -11.51 -11.36 -1.94
CA ASP A 12 -11.58 -10.64 -0.66
C ASP A 12 -12.14 -11.46 0.49
N THR A 13 -11.53 -11.30 1.66
CA THR A 13 -12.05 -11.88 2.91
C THR A 13 -12.46 -10.70 3.78
N MSE A 14 -13.74 -10.69 4.20
CA MSE A 14 -14.35 -9.66 5.06
C MSE A 14 -14.44 -10.17 6.50
O MSE A 14 -14.68 -11.35 6.73
CB MSE A 14 -15.79 -9.36 4.60
CG MSE A 14 -15.88 -8.91 3.12
SE MSE A 14 -14.83 -7.35 2.67
CE MSE A 14 -15.85 -6.04 3.55
N GLU A 15 -14.28 -9.26 7.48
CA GLU A 15 -14.44 -9.56 8.90
C GLU A 15 -15.02 -8.32 9.59
N GLY A 16 -16.19 -8.47 10.21
CA GLY A 16 -16.90 -7.36 10.87
C GLY A 16 -17.13 -6.17 9.96
N GLY A 17 -17.40 -6.44 8.68
CA GLY A 17 -17.65 -5.42 7.66
C GLY A 17 -16.45 -4.76 7.03
N LYS A 18 -15.23 -5.21 7.38
CA LYS A 18 -14.00 -4.62 6.83
C LYS A 18 -13.20 -5.64 6.05
N LEU A 19 -12.45 -5.18 5.04
CA LEU A 19 -11.60 -6.03 4.24
C LEU A 19 -10.35 -6.39 5.05
N VAL A 20 -10.15 -7.68 5.34
CA VAL A 20 -8.98 -8.11 6.12
C VAL A 20 -7.93 -8.82 5.25
N CYS A 21 -8.33 -9.33 4.11
CA CYS A 21 -7.37 -9.99 3.21
C CYS A 21 -7.82 -9.86 1.80
N ARG A 22 -6.88 -9.59 0.89
CA ARG A 22 -7.18 -9.59 -0.52
C ARG A 22 -6.11 -10.43 -1.19
N GLU A 23 -6.53 -11.48 -1.91
CA GLU A 23 -5.58 -12.34 -2.61
C GLU A 23 -5.70 -12.13 -4.12
N ILE A 24 -4.56 -11.94 -4.80
CA ILE A 24 -4.50 -11.69 -6.24
C ILE A 24 -4.05 -12.92 -6.96
N TYR A 25 -4.76 -13.27 -8.04
CA TYR A 25 -4.46 -14.46 -8.88
C TYR A 25 -4.31 -14.11 -10.31
N ALA A 26 -3.62 -14.99 -11.07
CA ALA A 26 -3.54 -14.93 -12.52
C ALA A 26 -3.75 -16.35 -13.00
N MSE A 27 -4.33 -16.52 -14.20
CA MSE A 27 -4.51 -17.84 -14.81
CA MSE A 27 -4.48 -17.87 -14.78
C MSE A 27 -3.25 -18.11 -15.64
O MSE A 27 -2.98 -17.37 -16.59
CB MSE A 27 -5.78 -17.86 -15.69
CB MSE A 27 -5.78 -18.13 -15.59
CG MSE A 27 -6.13 -16.52 -16.34
CG MSE A 27 -6.11 -19.65 -15.73
SE MSE A 27 -7.99 -16.49 -16.84
SE MSE A 27 -6.88 -20.37 -17.43
CE MSE A 27 -8.64 -15.31 -15.47
CE MSE A 27 -5.49 -19.67 -18.70
N ASN A 28 -2.43 -19.12 -15.24
CA ASN A 28 -1.20 -19.41 -16.00
C ASN A 28 -1.23 -20.72 -16.79
N ASP A 29 -2.34 -21.48 -16.71
CA ASP A 29 -2.53 -22.70 -17.48
C ASP A 29 -3.98 -23.04 -17.83
N ALA A 30 -4.18 -23.56 -19.06
CA ALA A 30 -5.49 -23.93 -19.57
C ALA A 30 -5.73 -25.44 -19.51
N ALA A 31 -4.65 -26.23 -19.33
CA ALA A 31 -4.82 -27.68 -19.21
C ALA A 31 -5.47 -27.99 -17.84
N SER A 32 -5.42 -26.98 -16.91
CA SER A 32 -5.97 -27.07 -15.55
C SER A 32 -7.03 -26.00 -15.25
N GLY A 33 -6.78 -24.75 -15.65
CA GLY A 33 -7.67 -23.63 -15.37
C GLY A 33 -7.53 -23.13 -13.94
N ILE A 34 -6.44 -23.55 -13.25
CA ILE A 34 -6.15 -23.15 -11.88
C ILE A 34 -5.64 -21.71 -11.83
N LEU A 35 -6.22 -20.90 -10.96
CA LEU A 35 -5.77 -19.54 -10.77
C LEU A 35 -4.58 -19.58 -9.84
N ASN A 36 -3.43 -19.11 -10.31
CA ASN A 36 -2.21 -19.13 -9.51
C ASN A 36 -2.10 -17.89 -8.61
N PRO A 37 -1.74 -18.08 -7.33
CA PRO A 37 -1.55 -16.91 -6.44
C PRO A 37 -0.36 -16.09 -6.86
N VAL A 38 -0.50 -14.78 -6.76
CA VAL A 38 0.55 -13.84 -7.16
C VAL A 38 0.88 -12.92 -6.00
N LYS A 39 -0.17 -12.38 -5.35
CA LYS A 39 0.01 -11.38 -4.31
C LYS A 39 -1.05 -11.55 -3.26
N MSE A 40 -0.73 -11.14 -2.04
CA MSE A 40 -1.70 -11.13 -0.94
C MSE A 40 -1.54 -9.92 -0.06
O MSE A 40 -0.43 -9.59 0.37
CB MSE A 40 -1.66 -12.41 -0.12
CG MSE A 40 -2.77 -12.43 0.96
SE MSE A 40 -2.76 -14.10 1.69
CE MSE A 40 -1.01 -14.03 2.64
N TYR A 41 -2.66 -9.24 0.23
CA TYR A 41 -2.67 -8.08 1.12
C TYR A 41 -3.42 -8.45 2.37
N LYS A 42 -2.82 -8.14 3.52
CA LYS A 42 -3.43 -8.35 4.83
CA LYS A 42 -3.44 -8.35 4.82
C LYS A 42 -3.64 -6.98 5.46
N TYR A 43 -4.86 -6.70 5.95
CA TYR A 43 -5.17 -5.40 6.55
C TYR A 43 -5.39 -5.48 8.05
N SER A 44 -4.69 -4.61 8.79
CA SER A 44 -4.77 -4.54 10.25
C SER A 44 -5.28 -3.13 10.60
N TYR A 45 -6.49 -3.06 11.17
CA TYR A 45 -7.15 -1.80 11.53
C TYR A 45 -6.98 -1.52 13.00
N ASP A 46 -6.97 -0.25 13.34
CA ASP A 46 -6.96 0.18 14.75
C ASP A 46 -7.71 1.48 14.79
N THR A 47 -9.03 1.38 15.01
CA THR A 47 -9.94 2.53 15.04
C THR A 47 -9.51 3.55 16.09
N ASP A 48 -9.18 3.07 17.32
CA ASP A 48 -8.79 3.97 18.40
CA ASP A 48 -8.74 3.90 18.45
C ASP A 48 -7.53 4.77 18.09
N GLN A 49 -6.53 4.19 17.41
CA GLN A 49 -5.33 4.95 17.08
CA GLN A 49 -5.29 4.85 17.03
C GLN A 49 -5.38 5.55 15.66
N GLN A 50 -6.53 5.37 14.94
CA GLN A 50 -6.78 5.89 13.59
C GLN A 50 -5.67 5.51 12.61
N LYS A 51 -5.30 4.24 12.67
CA LYS A 51 -4.19 3.74 11.87
C LYS A 51 -4.52 2.40 11.23
N THR A 52 -4.26 2.28 9.91
CA THR A 52 -4.47 1.06 9.13
C THR A 52 -3.12 0.60 8.61
N VAL A 53 -2.81 -0.70 8.80
CA VAL A 53 -1.58 -1.30 8.30
C VAL A 53 -1.93 -2.32 7.22
N LYS A 54 -1.40 -2.10 6.00
CA LYS A 54 -1.56 -3.03 4.90
C LYS A 54 -0.22 -3.69 4.68
N SER A 55 -0.16 -5.03 4.83
CA SER A 55 1.06 -5.77 4.59
C SER A 55 0.88 -6.51 3.27
N THR A 56 1.88 -6.43 2.38
CA THR A 56 1.85 -7.07 1.06
C THR A 56 2.84 -8.24 0.99
N TYR A 57 2.39 -9.36 0.40
CA TYR A 57 3.18 -10.58 0.25
C TYR A 57 3.17 -10.96 -1.21
N ALA A 58 4.31 -11.47 -1.67
CA ALA A 58 4.45 -11.91 -3.05
C ALA A 58 4.64 -13.43 -3.02
N TRP A 59 4.07 -14.14 -4.00
CA TRP A 59 4.22 -15.59 -4.10
C TRP A 59 5.61 -15.92 -4.59
N ASN A 60 6.36 -16.69 -3.78
CA ASN A 60 7.70 -17.11 -4.15
C ASN A 60 7.55 -18.44 -4.92
N ILE A 61 7.76 -18.42 -6.23
CA ILE A 61 7.58 -19.60 -7.10
C ILE A 61 8.60 -20.70 -6.86
N PHE A 62 9.74 -20.37 -6.24
CA PHE A 62 10.79 -21.36 -6.01
C PHE A 62 10.50 -22.18 -4.76
N LYS A 63 10.12 -21.51 -3.68
CA LYS A 63 9.76 -22.10 -2.37
C LYS A 63 8.28 -22.46 -2.25
N ASN A 64 7.41 -21.92 -3.14
CA ASN A 64 5.95 -22.13 -3.10
C ASN A 64 5.35 -21.70 -1.74
N THR A 65 5.73 -20.49 -1.31
CA THR A 65 5.33 -19.87 -0.05
C THR A 65 5.16 -18.37 -0.30
N TRP A 66 4.53 -17.67 0.66
CA TRP A 66 4.42 -16.22 0.59
C TRP A 66 5.68 -15.62 1.21
N GLU A 67 6.10 -14.48 0.69
CA GLU A 67 7.24 -13.74 1.20
CA GLU A 67 7.25 -13.74 1.19
C GLU A 67 6.87 -12.29 1.36
N THR A 68 7.33 -11.67 2.46
CA THR A 68 7.09 -10.27 2.82
C THR A 68 7.67 -9.38 1.70
N GLU A 69 6.83 -8.49 1.17
CA GLU A 69 7.25 -7.59 0.09
C GLU A 69 7.29 -6.14 0.58
N SER A 70 6.19 -5.67 1.21
CA SER A 70 6.11 -4.30 1.63
C SER A 70 5.07 -4.08 2.71
N ARG A 71 5.05 -2.85 3.27
CA ARG A 71 4.10 -2.46 4.31
C ARG A 71 3.67 -1.01 4.05
N THR A 72 2.34 -0.71 4.17
CA THR A 72 1.79 0.63 4.01
C THR A 72 1.06 0.97 5.30
N VAL A 73 1.43 2.10 5.92
CA VAL A 73 0.81 2.55 7.16
C VAL A 73 0.03 3.80 6.83
N ILE A 74 -1.29 3.77 7.06
CA ILE A 74 -2.18 4.91 6.81
C ILE A 74 -2.62 5.44 8.16
N SER A 75 -2.29 6.72 8.44
CA SER A 75 -2.65 7.38 9.68
C SER A 75 -3.58 8.53 9.34
N ARG A 76 -4.67 8.62 10.09
CA ARG A 76 -5.71 9.63 9.93
C ARG A 76 -5.66 10.59 11.07
N TYR A 77 -5.70 11.87 10.71
CA TYR A 77 -5.69 13.00 11.62
C TYR A 77 -6.76 14.00 11.14
N GLU A 78 -7.98 13.50 10.89
CA GLU A 78 -9.18 14.24 10.49
C GLU A 78 -9.04 14.83 9.10
N THR A 79 -8.58 16.11 8.99
CA THR A 79 -8.36 16.77 7.71
C THR A 79 -7.03 16.27 7.07
N GLU A 80 -6.16 15.61 7.84
CA GLU A 80 -4.87 15.14 7.32
C GLU A 80 -4.77 13.62 7.32
N THR A 81 -4.27 13.05 6.21
CA THR A 81 -4.01 11.63 6.07
C THR A 81 -2.54 11.52 5.69
N SER A 82 -1.80 10.70 6.42
CA SER A 82 -0.38 10.45 6.16
C SER A 82 -0.24 8.95 5.78
N VAL A 83 0.46 8.64 4.66
CA VAL A 83 0.66 7.28 4.13
C VAL A 83 2.18 7.02 4.02
N GLU A 84 2.68 5.99 4.72
CA GLU A 84 4.10 5.65 4.63
C GLU A 84 4.21 4.28 4.01
N TYR A 85 4.99 4.20 2.93
CA TYR A 85 5.23 2.96 2.21
C TYR A 85 6.66 2.51 2.48
N SER A 86 6.82 1.28 2.98
CA SER A 86 8.12 0.70 3.29
C SER A 86 8.33 -0.60 2.50
N VAL A 87 9.57 -0.86 2.10
CA VAL A 87 9.91 -2.05 1.32
C VAL A 87 10.66 -3.01 2.24
N TRP A 88 10.29 -4.31 2.20
CA TRP A 88 10.98 -5.32 3.01
C TRP A 88 12.40 -5.50 2.49
N ASN A 89 13.39 -5.38 3.39
CA ASN A 89 14.80 -5.57 3.03
C ASN A 89 15.21 -6.99 3.53
N LYS A 90 15.16 -7.99 2.62
CA LYS A 90 15.44 -9.41 2.90
C LYS A 90 16.74 -9.67 3.65
N GLU A 91 17.85 -9.06 3.17
CA GLU A 91 19.19 -9.17 3.75
C GLU A 91 19.45 -8.18 4.91
N LYS A 92 18.39 -7.82 5.67
CA LYS A 92 18.44 -6.91 6.82
C LYS A 92 17.38 -7.33 7.84
N GLY A 93 16.34 -8.02 7.36
CA GLY A 93 15.22 -8.50 8.17
C GLY A 93 14.37 -7.38 8.74
N SER A 94 14.29 -6.25 8.00
CA SER A 94 13.50 -5.09 8.42
C SER A 94 12.94 -4.34 7.21
N PHE A 95 11.99 -3.45 7.48
CA PHE A 95 11.33 -2.63 6.47
C PHE A 95 12.05 -1.29 6.29
N ASP A 96 12.47 -0.96 5.05
CA ASP A 96 13.07 0.33 4.73
C ASP A 96 11.98 1.32 4.28
N LEU A 97 11.89 2.49 4.93
CA LEU A 97 10.95 3.56 4.56
C LEU A 97 11.28 3.98 3.12
N SER A 98 10.30 4.03 2.21
CA SER A 98 10.59 4.33 0.81
C SER A 98 9.84 5.59 0.28
N LYS A 99 8.51 5.62 0.44
CA LYS A 99 7.67 6.72 -0.04
C LYS A 99 6.73 7.21 1.05
N LYS A 100 6.42 8.50 1.02
CA LYS A 100 5.47 9.08 1.97
C LYS A 100 4.53 10.00 1.23
N TYR A 101 3.23 9.90 1.55
CA TYR A 101 2.22 10.76 0.95
C TYR A 101 1.39 11.42 2.01
N ILE A 102 1.11 12.72 1.81
CA ILE A 102 0.26 13.50 2.73
CA ILE A 102 0.29 13.52 2.72
C ILE A 102 -0.91 14.10 1.94
N TYR A 103 -2.14 13.89 2.43
CA TYR A 103 -3.35 14.44 1.80
C TYR A 103 -4.06 15.31 2.83
N ILE A 104 -4.23 16.59 2.51
CA ILE A 104 -4.91 17.53 3.37
C ILE A 104 -6.24 17.90 2.73
N THR A 105 -7.35 17.72 3.48
CA THR A 105 -8.66 18.15 3.00
C THR A 105 -9.18 19.29 3.87
N ASP A 106 -10.30 19.91 3.47
CA ASP A 106 -10.98 20.89 4.31
C ASP A 106 -12.01 20.08 5.14
N ASN A 107 -12.86 20.75 5.89
CA ASN A 107 -13.87 20.13 6.73
C ASN A 107 -15.00 19.43 5.92
N ASN A 108 -15.09 19.68 4.59
CA ASN A 108 -16.11 19.05 3.72
C ASN A 108 -15.54 17.89 2.91
N ASN A 109 -14.31 17.50 3.21
CA ASN A 109 -13.60 16.40 2.51
C ASN A 109 -13.18 16.77 1.10
N GLN A 110 -13.07 18.08 0.81
CA GLN A 110 -12.54 18.53 -0.48
C GLN A 110 -10.99 18.52 -0.32
N LEU A 111 -10.25 17.91 -1.26
CA LEU A 111 -8.80 17.93 -1.17
C LEU A 111 -8.28 19.37 -1.32
N ILE A 112 -7.40 19.82 -0.39
CA ILE A 112 -6.77 21.14 -0.46
C ILE A 112 -5.42 20.96 -1.12
N ALA A 113 -4.58 20.03 -0.58
CA ALA A 113 -3.21 19.80 -1.06
C ALA A 113 -2.75 18.38 -0.91
N GLN A 114 -1.86 17.97 -1.81
CA GLN A 114 -1.26 16.65 -1.74
C GLN A 114 0.23 16.79 -1.89
N TYR A 115 0.97 15.96 -1.14
CA TYR A 115 2.43 15.95 -1.08
C TYR A 115 2.91 14.52 -1.23
N ALA A 116 4.04 14.34 -1.94
CA ALA A 116 4.68 13.01 -2.10
C ALA A 116 6.16 13.20 -1.84
N TYR A 117 6.77 12.22 -1.17
CA TYR A 117 8.17 12.22 -0.78
C TYR A 117 8.77 10.89 -1.08
N LYS A 118 10.08 10.89 -1.28
CA LYS A 118 10.85 9.69 -1.47
C LYS A 118 11.97 9.74 -0.44
N MSE A 119 12.29 8.61 0.17
CA MSE A 119 13.34 8.55 1.19
C MSE A 119 14.72 8.64 0.55
O MSE A 119 15.01 7.94 -0.42
CB MSE A 119 13.20 7.26 2.03
CG MSE A 119 14.32 7.07 3.09
SE MSE A 119 14.39 8.58 4.34
CE MSE A 119 12.83 8.25 5.36
N ASN A 120 15.58 9.52 1.11
CA ASN A 120 16.98 9.61 0.70
C ASN A 120 17.67 8.63 1.67
N SER A 121 18.10 7.45 1.15
CA SER A 121 18.75 6.42 1.97
C SER A 121 20.12 6.80 2.54
N ARG A 122 20.83 7.74 1.89
CA ARG A 122 22.13 8.23 2.34
C ARG A 122 22.03 9.19 3.54
N THR A 123 21.00 10.08 3.56
CA THR A 123 20.80 11.08 4.62
C THR A 123 19.69 10.79 5.62
N ASN A 124 18.84 9.76 5.33
CA ASN A 124 17.70 9.34 6.17
CA ASN A 124 17.68 9.34 6.15
C ASN A 124 16.64 10.47 6.29
N GLN A 125 16.52 11.30 5.24
CA GLN A 125 15.58 12.42 5.20
CA GLN A 125 15.58 12.42 5.20
C GLN A 125 14.70 12.30 3.97
N TRP A 126 13.43 12.71 4.10
CA TRP A 126 12.45 12.68 3.01
C TRP A 126 12.76 13.77 2.00
N ILE A 127 12.66 13.44 0.71
CA ILE A 127 12.88 14.38 -0.39
C ILE A 127 11.50 14.70 -0.94
N LEU A 128 11.17 15.99 -1.09
CA LEU A 128 9.87 16.33 -1.66
C LEU A 128 9.89 16.05 -3.17
N GLU A 129 8.87 15.33 -3.67
CA GLU A 129 8.75 14.96 -5.08
C GLU A 129 7.57 15.66 -5.72
N LYS A 130 6.51 15.90 -4.95
CA LYS A 130 5.31 16.55 -5.44
C LYS A 130 4.61 17.32 -4.33
N ASP A 131 4.11 18.53 -4.66
CA ASP A 131 3.30 19.38 -3.78
C ASP A 131 2.36 20.17 -4.66
N ALA A 132 1.05 19.94 -4.54
CA ALA A 132 0.13 20.68 -5.39
C ALA A 132 -1.18 20.95 -4.70
N LEU A 133 -1.69 22.17 -4.90
CA LEU A 133 -3.00 22.56 -4.43
C LEU A 133 -3.98 22.16 -5.52
N THR A 134 -5.24 21.92 -5.14
CA THR A 134 -6.28 21.61 -6.13
C THR A 134 -6.75 22.95 -6.75
N PRO A 135 -7.32 22.94 -7.99
CA PRO A 135 -7.79 24.22 -8.59
C PRO A 135 -8.72 25.07 -7.70
N ILE A 136 -9.72 24.47 -7.01
CA ILE A 136 -10.66 25.21 -6.13
C ILE A 136 -9.92 25.96 -4.97
N TYR A 137 -8.81 25.39 -4.48
CA TYR A 137 -8.02 25.95 -3.41
C TYR A 137 -6.81 26.77 -3.89
N GLU A 138 -6.35 26.56 -5.15
CA GLU A 138 -5.23 27.20 -5.86
C GLU A 138 -5.12 28.72 -5.64
N ASN A 139 -6.25 29.35 -5.23
CA ASN A 139 -6.43 30.77 -4.93
C ASN A 139 -5.45 31.25 -3.85
CL CL B . -15.57 -13.02 3.48
CL CL C . -7.14 -6.76 -8.54
CL CL D . -11.36 7.14 6.99
C1 PGR E . -0.96 24.02 -7.48
C2 PGR E . -0.20 24.18 -8.80
C3 PGR E . 0.12 22.79 -9.41
O1 PGR E . -0.03 24.07 -6.39
O2 PGR E . -1.03 24.97 -9.68
C1 PGR F . 1.81 24.65 -1.05
C2 PGR F . 2.96 25.09 -1.99
C3 PGR F . 2.35 25.37 -3.33
O1 PGR F . 1.17 23.48 -1.62
O2 PGR F . 3.73 26.25 -1.55
C1 PGR G . -9.02 -0.64 3.55
C2 PGR G . -9.77 -0.75 2.21
C3 PGR G . -8.91 -1.50 1.20
O1 PGR G . -7.77 0.06 3.38
O2 PGR G . -11.06 -1.39 2.35
#